data_7D5E
#
_entry.id   7D5E
#
_cell.length_a   29.100
_cell.length_b   39.810
_cell.length_c   54.970
_cell.angle_alpha   90.000
_cell.angle_beta   91.280
_cell.angle_gamma   90.000
#
_symmetry.space_group_name_H-M   'P 1 21 1'
#
loop_
_entity.id
_entity.type
_entity.pdbx_description
1 polymer 2xBulge-LHG4motif
2 non-polymer 'POTASSIUM ION'
3 non-polymer SPERMINE
4 non-polymer 'SODIUM ION'
5 water water
#
_entity_poly.entity_id   1
_entity_poly.type   'polydeoxyribonucleotide'
_entity_poly.pdbx_seq_one_letter_code
;(DG)(DG)(DT)(DG)(DT)(DG)(DT)(DG)(DT)(DG)(DT)(DG)(DG)(DT)(DG)(DT)(DG)(DG)(DT)(DG)
(DG)(DT)(DG)(DG)(DT)(DG)(DT)(DT)
;
_entity_poly.pdbx_strand_id   A,B
#
loop_
_chem_comp.id
_chem_comp.type
_chem_comp.name
_chem_comp.formula
DG DNA linking 2'-DEOXYGUANOSINE-5'-MONOPHOSPHATE 'C10 H14 N5 O7 P'
DT DNA linking THYMIDINE-5'-MONOPHOSPHATE 'C10 H15 N2 O8 P'
K non-polymer 'POTASSIUM ION' 'K 1'
NA non-polymer 'SODIUM ION' 'Na 1'
SPM non-polymer SPERMINE 'C10 H26 N4'
#
# COMPACT_ATOMS: atom_id res chain seq x y z
K K C . 8.07 10.90 -10.80
K K D . 11.55 10.09 -10.41
K K E . 4.65 11.50 -11.36
N1 SPM F . 17.04 8.60 -9.92
C2 SPM F . 16.17 8.65 -8.75
C3 SPM F . 16.86 9.47 -7.66
C4 SPM F . 15.88 9.78 -6.53
N5 SPM F . 16.48 9.64 -5.21
C6 SPM F . 15.62 9.55 -4.06
C7 SPM F . 16.36 9.91 -2.78
C8 SPM F . 15.41 9.76 -1.59
C9 SPM F . 16.01 10.29 -0.30
N10 SPM F . 15.14 10.01 0.81
C11 SPM F . 15.20 8.70 1.42
C12 SPM F . 15.99 8.73 2.73
C13 SPM F . 15.34 9.67 3.74
N14 SPM F . 16.10 9.64 4.97
N1 SPM G . 0.15 19.95 -14.34
C2 SPM G . 0.06 19.99 -12.90
C3 SPM G . 0.89 18.86 -12.32
C4 SPM G . 0.49 17.53 -12.94
N5 SPM G . 1.02 16.40 -12.20
C6 SPM G . 0.45 16.07 -10.92
C7 SPM G . 0.37 14.57 -10.69
C8 SPM G . -0.83 14.20 -9.85
C9 SPM G . -0.58 12.87 -9.15
N10 SPM G . -0.90 12.92 -7.74
C11 SPM G . -1.37 11.72 -7.08
C12 SPM G . -1.84 11.98 -5.66
C13 SPM G . -2.94 11.00 -5.25
N14 SPM G . -3.45 11.38 -3.95
K K H . -6.81 -12.72 2.42
K K I . -3.33 -13.48 2.73
K K J . -10.24 -12.12 1.84
K K K . 2.46 -10.54 4.97
N1 SPM L . -18.89 -12.61 9.99
C2 SPM L . -17.76 -12.07 9.25
C3 SPM L . -17.88 -12.47 7.78
C4 SPM L . -16.66 -11.99 7.00
N5 SPM L . -16.87 -10.69 6.39
C6 SPM L . -15.78 -10.11 5.63
C7 SPM L . -15.67 -10.69 4.22
C8 SPM L . -15.94 -9.61 3.18
C9 SPM L . -14.77 -8.65 3.08
N10 SPM L . -14.95 -7.66 2.03
C11 SPM L . -13.84 -6.78 1.71
C12 SPM L . -14.16 -5.78 0.62
C13 SPM L . -14.79 -4.51 1.16
N14 SPM L . -15.14 -3.61 0.07
N1 SPM M . 1.50 -12.27 2.76
C2 SPM M . 1.98 -13.59 3.13
C3 SPM M . 1.04 -14.17 4.17
C4 SPM M . 1.79 -14.41 5.48
N5 SPM M . 0.94 -14.23 6.64
C6 SPM M . 1.56 -13.84 7.88
C7 SPM M . 0.75 -14.21 9.11
C8 SPM M . 1.46 -13.65 10.34
C9 SPM M . 0.67 -13.90 11.62
N10 SPM M . 1.33 -13.29 12.76
C11 SPM M . 1.12 -13.80 14.10
C12 SPM M . 0.30 -15.08 14.13
C13 SPM M . -0.06 -15.44 15.57
N14 SPM M . -1.38 -16.05 15.60
NA NA N . -11.38 -0.33 -6.68
#